data_4TT7
#
_entry.id   4TT7
#
_cell.length_a   51.535
_cell.length_b   57.157
_cell.length_c   104.216
_cell.angle_alpha   90.00
_cell.angle_beta   90.00
_cell.angle_gamma   90.00
#
_symmetry.space_group_name_H-M   'P 21 21 21'
#
loop_
_entity.id
_entity.type
_entity.pdbx_description
1 polymer 'ALK tyrosine kinase receptor'
2 non-polymer '1-THIOETHANESULFONIC ACID'
3 non-polymer 1,2-ETHANEDIOL
4 water water
#
_entity_poly.entity_id   1
_entity_poly.type   'polypeptide(L)'
_entity_poly.pdbx_seq_one_letter_code
;MNYCFAGKTSSISDLKEVPRKNITLIRGLGHGAFGEVYEGQVSGMPNDPSPLQVAVKTLPEVCSEQDELDFLMEALIISK
FNHQNIVRCIGVSLQSLPRFILLELMAGGDLKSFLRETRPRPSQPSSLAMLDLLHVARDIACGCQYLEENHFIHRDIAAR
NCLLTCPGPGRVAKIGDFGMARDIYRASYYRKGGCAMLPVKWMPPEAFMEGIFTSKTDTWSFGVLLWEIFSLGYMPYPSK
SNQEVLEFVTSGGRMDPPKNCPGPVYRIMTQCWQHQPEDRPNFAIILERIEYCTQDPDVINTALPIEYGPLVEEEEKLEH
HHHHH
;
_entity_poly.pdbx_strand_id   A
#
# COMPACT_ATOMS: atom_id res chain seq x y z
N MET A 1 -5.89 -25.73 1.46
CA MET A 1 -5.23 -24.52 0.87
C MET A 1 -4.09 -24.05 1.76
N ASN A 2 -2.87 -24.04 1.20
CA ASN A 2 -1.66 -23.70 1.96
C ASN A 2 -0.92 -22.46 1.46
N TYR A 3 -0.16 -21.84 2.37
CA TYR A 3 0.60 -20.63 2.07
C TYR A 3 1.93 -20.64 2.83
N CYS A 4 3.02 -20.35 2.13
CA CYS A 4 4.33 -20.28 2.77
C CYS A 4 4.90 -18.87 2.79
N PHE A 5 5.40 -18.47 3.95
CA PHE A 5 6.10 -17.22 4.10
C PHE A 5 7.21 -17.39 5.13
N ALA A 6 8.37 -16.80 4.83
CA ALA A 6 9.55 -16.84 5.72
C ALA A 6 9.98 -18.27 6.07
N GLY A 7 9.80 -19.19 5.14
CA GLY A 7 10.19 -20.59 5.33
C GLY A 7 9.27 -21.40 6.22
N LYS A 8 8.00 -20.99 6.32
CA LYS A 8 7.02 -21.68 7.18
C LYS A 8 5.66 -21.76 6.48
N THR A 9 5.12 -22.97 6.41
CA THR A 9 3.84 -23.19 5.74
C THR A 9 2.69 -23.03 6.74
N SER A 10 1.55 -22.53 6.26
CA SER A 10 0.37 -22.35 7.10
C SER A 10 -0.89 -22.78 6.38
N SER A 11 -1.95 -23.02 7.15
CA SER A 11 -3.27 -23.28 6.62
C SER A 11 -4.32 -22.52 7.44
N ILE A 12 -5.53 -22.43 6.87
CA ILE A 12 -6.72 -21.88 7.53
C ILE A 12 -6.78 -22.09 9.06
N SER A 13 -6.34 -23.27 9.51
CA SER A 13 -6.42 -23.65 10.92
C SER A 13 -5.46 -22.86 11.81
N ASP A 14 -4.41 -22.30 11.20
CA ASP A 14 -3.45 -21.46 11.91
C ASP A 14 -4.00 -20.08 12.26
N LEU A 15 -5.09 -19.70 11.60
CA LEU A 15 -5.74 -18.42 11.85
C LEU A 15 -6.50 -18.47 13.17
N LYS A 16 -6.45 -17.38 13.93
CA LYS A 16 -7.13 -17.32 15.22
C LYS A 16 -8.61 -16.98 15.03
N GLU A 17 -9.46 -17.97 15.26
CA GLU A 17 -10.91 -17.81 15.11
C GLU A 17 -11.50 -17.09 16.32
N VAL A 18 -12.10 -15.93 16.07
CA VAL A 18 -12.75 -15.17 17.13
C VAL A 18 -14.25 -15.44 17.06
N PRO A 19 -14.84 -15.94 18.17
CA PRO A 19 -16.28 -16.27 18.20
C PRO A 19 -17.13 -15.08 17.78
N ARG A 20 -18.13 -15.34 16.94
CA ARG A 20 -18.96 -14.26 16.38
C ARG A 20 -19.64 -13.39 17.45
N LYS A 21 -20.02 -14.00 18.57
CA LYS A 21 -20.69 -13.28 19.67
C LYS A 21 -19.79 -12.26 20.35
N ASN A 22 -18.48 -12.44 20.22
CA ASN A 22 -17.47 -11.50 20.74
C ASN A 22 -17.29 -10.25 19.88
N ILE A 23 -17.92 -10.24 18.70
CA ILE A 23 -17.69 -9.18 17.70
C ILE A 23 -18.90 -8.26 17.51
N THR A 24 -18.70 -6.97 17.70
CA THR A 24 -19.74 -5.97 17.44
C THR A 24 -19.30 -4.95 16.38
N LEU A 25 -20.18 -4.69 15.42
CA LEU A 25 -19.95 -3.66 14.40
C LEU A 25 -20.47 -2.30 14.86
N ILE A 26 -19.62 -1.28 14.73
CA ILE A 26 -19.92 0.07 15.23
C ILE A 26 -20.31 1.06 14.12
N ARG A 27 -19.56 1.08 13.01
CA ARG A 27 -19.90 1.92 11.87
C ARG A 27 -19.27 1.41 10.57
N GLY A 28 -19.87 1.76 9.43
CA GLY A 28 -19.26 1.52 8.13
C GLY A 28 -18.12 2.51 7.90
N LEU A 29 -17.04 2.04 7.29
CA LEU A 29 -15.86 2.88 7.08
C LEU A 29 -15.65 3.27 5.60
N GLY A 30 -16.39 2.64 4.69
CA GLY A 30 -16.28 2.92 3.26
C GLY A 30 -15.31 2.01 2.55
N GLY A 35 -16.07 -6.13 -1.06
CA GLY A 35 -16.72 -6.15 0.28
C GLY A 35 -16.73 -4.82 1.02
N GLU A 36 -17.12 -4.86 2.29
CA GLU A 36 -17.21 -3.66 3.11
C GLU A 36 -16.26 -3.72 4.30
N VAL A 37 -15.86 -2.55 4.79
CA VAL A 37 -15.04 -2.45 5.98
C VAL A 37 -15.83 -1.71 7.07
N TYR A 38 -15.76 -2.26 8.28
CA TYR A 38 -16.44 -1.66 9.42
C TYR A 38 -15.45 -1.38 10.54
N GLU A 39 -15.75 -0.36 11.34
CA GLU A 39 -15.14 -0.24 12.63
C GLU A 39 -15.89 -1.22 13.54
N GLY A 40 -15.15 -2.06 14.25
CA GLY A 40 -15.77 -3.03 15.13
C GLY A 40 -15.13 -3.11 16.50
N GLN A 41 -15.63 -4.02 17.33
CA GLN A 41 -15.13 -4.19 18.68
C GLN A 41 -15.17 -5.64 19.14
N VAL A 42 -14.03 -6.13 19.61
CA VAL A 42 -13.91 -7.47 20.18
C VAL A 42 -13.81 -7.35 21.69
N SER A 43 -14.68 -8.07 22.40
CA SER A 43 -14.70 -8.05 23.87
C SER A 43 -15.19 -9.37 24.43
N PRO A 51 -11.38 -3.99 25.91
CA PRO A 51 -12.03 -4.33 24.65
C PRO A 51 -11.22 -3.85 23.44
N LEU A 52 -11.02 -4.74 22.47
CA LEU A 52 -10.20 -4.42 21.28
C LEU A 52 -10.96 -3.65 20.21
N GLN A 53 -10.39 -2.52 19.81
CA GLN A 53 -10.89 -1.73 18.71
C GLN A 53 -10.30 -2.31 17.43
N VAL A 54 -11.15 -2.68 16.48
CA VAL A 54 -10.72 -3.38 15.26
C VAL A 54 -11.35 -2.85 13.97
N ALA A 55 -10.74 -3.17 12.84
CA ALA A 55 -11.40 -3.03 11.55
C ALA A 55 -11.89 -4.41 11.13
N VAL A 56 -13.06 -4.45 10.51
CA VAL A 56 -13.69 -5.69 10.08
C VAL A 56 -13.93 -5.64 8.59
N LYS A 57 -13.21 -6.49 7.86
CA LYS A 57 -13.45 -6.66 6.45
C LYS A 57 -14.37 -7.86 6.27
N THR A 58 -15.42 -7.66 5.48
CA THR A 58 -16.47 -8.66 5.28
C THR A 58 -16.47 -9.22 3.87
N LEU A 59 -16.88 -10.48 3.74
CA LEU A 59 -17.08 -11.11 2.45
C LEU A 59 -18.59 -11.24 2.23
N PRO A 60 -19.16 -10.46 1.28
CA PRO A 60 -20.57 -10.58 0.95
C PRO A 60 -20.94 -12.03 0.64
N GLU A 61 -22.07 -12.48 1.17
CA GLU A 61 -22.51 -13.87 1.00
C GLU A 61 -22.86 -14.20 -0.45
N VAL A 62 -23.16 -13.17 -1.23
CA VAL A 62 -23.51 -13.34 -2.65
C VAL A 62 -22.30 -13.55 -3.57
N CYS A 63 -21.12 -13.81 -2.98
CA CYS A 63 -19.91 -14.11 -3.74
C CYS A 63 -19.78 -15.61 -3.94
N SER A 64 -18.93 -16.01 -4.89
CA SER A 64 -18.74 -17.43 -5.23
C SER A 64 -17.82 -18.15 -4.23
N GLU A 65 -17.69 -19.46 -4.40
CA GLU A 65 -16.76 -20.27 -3.61
C GLU A 65 -15.29 -19.90 -3.91
N GLN A 66 -15.03 -19.41 -5.13
CA GLN A 66 -13.71 -18.92 -5.54
C GLN A 66 -13.33 -17.59 -4.86
N ASP A 67 -14.25 -16.64 -4.88
CA ASP A 67 -14.12 -15.39 -4.12
C ASP A 67 -13.83 -15.66 -2.63
N GLU A 68 -14.48 -16.72 -2.10
CA GLU A 68 -14.32 -17.12 -0.70
C GLU A 68 -12.93 -17.63 -0.39
N LEU A 69 -12.38 -18.47 -1.27
CA LEU A 69 -11.01 -18.94 -1.10
C LEU A 69 -10.01 -17.79 -1.24
N ASP A 70 -10.31 -16.85 -2.15
CA ASP A 70 -9.54 -15.63 -2.31
C ASP A 70 -9.46 -14.84 -1.00
N PHE A 71 -10.60 -14.73 -0.35
CA PHE A 71 -10.76 -14.05 0.94
C PHE A 71 -9.92 -14.74 2.02
N LEU A 72 -9.96 -16.08 2.05
CA LEU A 72 -9.18 -16.89 2.99
C LEU A 72 -7.67 -16.75 2.77
N MET A 73 -7.25 -16.69 1.49
CA MET A 73 -5.83 -16.50 1.17
C MET A 73 -5.32 -15.15 1.65
N GLU A 74 -6.15 -14.12 1.46
CA GLU A 74 -5.83 -12.78 1.91
C GLU A 74 -5.53 -12.79 3.41
N ALA A 75 -6.38 -13.47 4.17
CA ALA A 75 -6.22 -13.63 5.62
C ALA A 75 -4.93 -14.35 5.98
N LEU A 76 -4.64 -15.45 5.29
CA LEU A 76 -3.38 -16.19 5.50
C LEU A 76 -2.14 -15.30 5.27
N ILE A 77 -2.13 -14.61 4.16
CA ILE A 77 -1.03 -13.71 3.78
C ILE A 77 -0.77 -12.66 4.87
N ILE A 78 -1.80 -11.88 5.22
CA ILE A 78 -1.65 -10.81 6.22
C ILE A 78 -1.25 -11.32 7.62
N SER A 79 -1.76 -12.48 8.03
CA SER A 79 -1.45 -13.05 9.34
CA SER A 79 -1.46 -13.06 9.34
C SER A 79 0.01 -13.46 9.50
N LYS A 80 0.67 -13.75 8.38
CA LYS A 80 2.05 -14.22 8.43
C LYS A 80 3.12 -13.13 8.55
N PHE A 81 2.78 -11.88 8.23
CA PHE A 81 3.73 -10.78 8.36
C PHE A 81 3.93 -10.39 9.82
N ASN A 82 5.13 -9.94 10.16
CA ASN A 82 5.42 -9.41 11.48
C ASN A 82 6.28 -8.16 11.34
N HIS A 83 5.61 -7.05 11.05
CA HIS A 83 6.32 -5.79 10.88
C HIS A 83 5.45 -4.62 11.27
N GLN A 84 6.06 -3.64 11.93
CA GLN A 84 5.35 -2.44 12.39
C GLN A 84 4.69 -1.61 11.27
N ASN A 85 5.21 -1.70 10.04
CA ASN A 85 4.65 -0.94 8.90
C ASN A 85 3.78 -1.75 7.95
N ILE A 86 3.28 -2.88 8.44
CA ILE A 86 2.24 -3.65 7.77
C ILE A 86 1.08 -3.89 8.73
N VAL A 87 -0.14 -3.61 8.28
CA VAL A 87 -1.34 -3.71 9.10
C VAL A 87 -1.44 -5.09 9.73
N ARG A 88 -1.76 -5.14 11.02
CA ARG A 88 -1.86 -6.42 11.75
C ARG A 88 -3.18 -7.11 11.47
N CYS A 89 -3.14 -8.43 11.43
CA CYS A 89 -4.37 -9.22 11.40
C CYS A 89 -4.61 -9.73 12.80
N ILE A 90 -5.71 -9.29 13.37
CA ILE A 90 -6.09 -9.64 14.73
C ILE A 90 -6.62 -11.07 14.81
N GLY A 91 -7.30 -11.48 13.76
CA GLY A 91 -7.79 -12.85 13.65
C GLY A 91 -8.84 -12.89 12.57
N VAL A 92 -9.73 -13.87 12.67
CA VAL A 92 -10.79 -14.09 11.69
C VAL A 92 -12.09 -14.53 12.39
N SER A 93 -13.17 -14.54 11.63
CA SER A 93 -14.43 -15.16 12.05
C SER A 93 -15.02 -15.82 10.81
N LEU A 94 -14.63 -17.08 10.62
CA LEU A 94 -14.91 -17.83 9.41
C LEU A 94 -15.97 -18.91 9.60
N GLN A 95 -16.28 -19.22 10.86
CA GLN A 95 -17.27 -20.27 11.16
C GLN A 95 -18.72 -19.72 11.20
N SER A 96 -18.87 -18.45 10.79
CA SER A 96 -20.18 -17.80 10.65
C SER A 96 -20.22 -16.98 9.36
N LEU A 97 -21.42 -16.82 8.81
CA LEU A 97 -21.65 -16.04 7.59
C LEU A 97 -22.37 -14.74 7.91
N PRO A 98 -21.92 -13.61 7.34
CA PRO A 98 -20.81 -13.44 6.40
C PRO A 98 -19.42 -13.53 7.08
N ARG A 99 -18.45 -14.07 6.36
CA ARG A 99 -17.08 -14.23 6.88
C ARG A 99 -16.40 -12.88 7.17
N PHE A 100 -15.74 -12.79 8.32
CA PHE A 100 -14.97 -11.60 8.70
C PHE A 100 -13.47 -11.88 8.68
N ILE A 101 -12.71 -10.85 8.34
CA ILE A 101 -11.30 -10.77 8.66
C ILE A 101 -11.13 -9.59 9.63
N LEU A 102 -10.40 -9.80 10.72
CA LEU A 102 -10.23 -8.74 11.72
C LEU A 102 -8.84 -8.15 11.61
N LEU A 103 -8.78 -6.83 11.47
CA LEU A 103 -7.52 -6.10 11.24
C LEU A 103 -7.31 -4.98 12.24
N GLU A 104 -6.05 -4.60 12.41
CA GLU A 104 -5.68 -3.38 13.13
C GLU A 104 -6.53 -2.20 12.61
N LEU A 105 -7.25 -1.52 13.51
CA LEU A 105 -7.98 -0.32 13.11
C LEU A 105 -7.02 0.83 12.81
N MET A 106 -7.19 1.43 11.64
CA MET A 106 -6.30 2.49 11.21
C MET A 106 -7.14 3.75 11.13
N ALA A 107 -7.11 4.51 12.22
CA ALA A 107 -8.02 5.64 12.43
C ALA A 107 -7.74 6.83 11.50
N GLY A 108 -6.53 6.87 10.93
CA GLY A 108 -6.16 7.93 9.98
C GLY A 108 -6.70 7.69 8.58
N GLY A 109 -7.30 6.53 8.36
CA GLY A 109 -7.83 6.14 7.05
C GLY A 109 -6.72 5.99 6.01
N ASP A 110 -7.10 5.87 4.74
CA ASP A 110 -6.12 5.71 3.68
C ASP A 110 -5.29 6.97 3.44
N LEU A 111 -4.09 6.77 2.91
CA LEU A 111 -3.12 7.84 2.68
C LEU A 111 -3.54 8.88 1.62
N LYS A 112 -4.08 8.41 0.50
CA LYS A 112 -4.59 9.33 -0.53
C LYS A 112 -5.64 10.30 0.03
N SER A 113 -6.66 9.75 0.70
CA SER A 113 -7.72 10.59 1.29
C SER A 113 -7.14 11.57 2.28
N PHE A 114 -6.27 11.08 3.16
CA PHE A 114 -5.59 11.92 4.15
C PHE A 114 -4.86 13.10 3.52
N LEU A 115 -4.08 12.83 2.48
CA LEU A 115 -3.31 13.87 1.80
C LEU A 115 -4.24 14.94 1.21
N ARG A 116 -5.26 14.49 0.49
CA ARG A 116 -6.28 15.37 -0.09
C ARG A 116 -7.02 16.21 0.97
N GLU A 117 -7.29 15.61 2.13
CA GLU A 117 -8.07 16.25 3.19
C GLU A 117 -7.29 17.21 4.06
N THR A 118 -5.99 16.97 4.23
CA THR A 118 -5.17 17.76 5.16
C THR A 118 -4.18 18.69 4.49
N ARG A 119 -4.27 18.82 3.17
CA ARG A 119 -3.39 19.74 2.44
C ARG A 119 -3.72 21.20 2.79
N PRO A 120 -2.68 22.05 2.93
CA PRO A 120 -2.90 23.47 3.26
C PRO A 120 -3.86 24.13 2.27
N ARG A 121 -4.86 24.84 2.81
CA ARG A 121 -5.85 25.55 1.99
C ARG A 121 -6.43 26.76 2.74
N PRO A 125 -4.72 27.08 5.65
CA PRO A 125 -3.43 26.57 6.11
C PRO A 125 -3.57 25.36 7.04
N SER A 126 -2.58 24.47 7.01
CA SER A 126 -2.55 23.29 7.90
C SER A 126 -1.19 23.12 8.58
N SER A 127 -1.09 22.14 9.47
CA SER A 127 0.16 21.87 10.21
C SER A 127 0.98 20.73 9.59
N LEU A 128 0.55 20.23 8.43
CA LEU A 128 1.33 19.26 7.67
C LEU A 128 2.57 19.92 7.06
N ALA A 129 3.73 19.27 7.21
CA ALA A 129 5.00 19.82 6.76
C ALA A 129 5.78 18.80 5.93
N MET A 130 6.83 19.26 5.25
CA MET A 130 7.71 18.39 4.46
C MET A 130 8.23 17.16 5.23
N LEU A 131 8.75 17.37 6.45
CA LEU A 131 9.20 16.26 7.30
C LEU A 131 8.11 15.21 7.58
N ASP A 132 6.87 15.64 7.76
CA ASP A 132 5.77 14.68 7.95
C ASP A 132 5.57 13.74 6.73
N LEU A 133 5.71 14.31 5.53
CA LEU A 133 5.57 13.58 4.26
C LEU A 133 6.73 12.58 4.11
N LEU A 134 7.92 13.01 4.49
CA LEU A 134 9.11 12.16 4.42
C LEU A 134 9.04 10.98 5.41
N HIS A 135 8.46 11.22 6.58
CA HIS A 135 8.24 10.16 7.56
C HIS A 135 7.25 9.13 7.08
N VAL A 136 6.18 9.56 6.40
CA VAL A 136 5.24 8.64 5.74
C VAL A 136 5.97 7.78 4.70
N ALA A 137 6.80 8.42 3.84
CA ALA A 137 7.57 7.71 2.83
C ALA A 137 8.52 6.70 3.47
N ARG A 138 9.20 7.12 4.54
CA ARG A 138 10.08 6.24 5.30
C ARG A 138 9.34 5.00 5.88
N ASP A 139 8.15 5.24 6.45
CA ASP A 139 7.34 4.16 7.00
C ASP A 139 7.03 3.08 5.96
N ILE A 140 6.61 3.52 4.77
CA ILE A 140 6.17 2.60 3.74
C ILE A 140 7.38 1.90 3.13
N ALA A 141 8.48 2.64 2.95
CA ALA A 141 9.73 2.04 2.50
C ALA A 141 10.28 0.99 3.48
N CYS A 142 10.02 1.19 4.78
CA CYS A 142 10.43 0.22 5.79
C CYS A 142 9.58 -1.06 5.61
N GLY A 143 8.27 -0.89 5.49
CA GLY A 143 7.36 -1.98 5.13
C GLY A 143 7.85 -2.73 3.90
N CYS A 144 8.14 -1.98 2.82
CA CYS A 144 8.62 -2.56 1.55
C CYS A 144 9.97 -3.28 1.66
N GLN A 145 10.87 -2.76 2.48
CA GLN A 145 12.14 -3.43 2.71
C GLN A 145 11.92 -4.79 3.39
N TYR A 146 11.03 -4.85 4.38
CA TYR A 146 10.67 -6.12 5.04
C TYR A 146 10.13 -7.13 4.02
N LEU A 147 9.23 -6.69 3.15
CA LEU A 147 8.69 -7.56 2.09
C LEU A 147 9.81 -8.08 1.18
N GLU A 148 10.64 -7.17 0.68
CA GLU A 148 11.78 -7.51 -0.19
C GLU A 148 12.72 -8.54 0.45
N GLU A 149 13.13 -8.28 1.70
CA GLU A 149 14.00 -9.17 2.49
C GLU A 149 13.40 -10.56 2.66
N ASN A 150 12.07 -10.61 2.72
CA ASN A 150 11.33 -11.86 2.82
C ASN A 150 10.79 -12.37 1.48
N HIS A 151 11.30 -11.82 0.39
CA HIS A 151 11.02 -12.31 -0.98
C HIS A 151 9.54 -12.28 -1.35
N PHE A 152 8.81 -11.27 -0.86
CA PHE A 152 7.40 -11.12 -1.17
C PHE A 152 7.27 -9.90 -2.08
N ILE A 153 6.55 -10.06 -3.20
CA ILE A 153 6.34 -8.97 -4.16
C ILE A 153 4.92 -8.41 -3.96
N HIS A 154 4.82 -7.16 -3.55
CA HIS A 154 3.50 -6.59 -3.31
C HIS A 154 2.65 -6.45 -4.59
N ARG A 155 3.25 -5.91 -5.64
CA ARG A 155 2.63 -5.70 -6.97
C ARG A 155 1.65 -4.52 -7.07
N ASP A 156 1.32 -3.90 -5.94
CA ASP A 156 0.30 -2.83 -5.98
C ASP A 156 0.57 -1.74 -4.92
N ILE A 157 1.81 -1.26 -4.87
CA ILE A 157 2.16 -0.19 -3.95
C ILE A 157 1.57 1.10 -4.49
N ALA A 158 0.78 1.79 -3.66
CA ALA A 158 0.03 2.98 -4.07
C ALA A 158 -0.59 3.63 -2.84
N ALA A 159 -0.84 4.94 -2.90
CA ALA A 159 -1.36 5.67 -1.73
C ALA A 159 -2.70 5.11 -1.19
N ARG A 160 -3.58 4.68 -2.09
CA ARG A 160 -4.89 4.09 -1.72
C ARG A 160 -4.74 2.78 -0.89
N ASN A 161 -3.58 2.14 -0.99
CA ASN A 161 -3.34 0.89 -0.29
C ASN A 161 -2.53 1.05 1.02
N CYS A 162 -2.24 2.29 1.38
CA CYS A 162 -1.52 2.61 2.60
C CYS A 162 -2.49 3.27 3.56
N LEU A 163 -2.31 3.01 4.84
CA LEU A 163 -3.23 3.53 5.88
C LEU A 163 -2.45 4.18 7.01
N LEU A 164 -3.12 5.06 7.73
CA LEU A 164 -2.50 5.77 8.84
C LEU A 164 -3.15 5.43 10.17
N THR A 165 -2.32 5.28 11.20
CA THR A 165 -2.79 4.92 12.55
C THR A 165 -3.68 6.03 13.11
N CYS A 166 -3.27 7.27 12.88
CA CYS A 166 -4.04 8.44 13.32
C CYS A 166 -3.73 9.66 12.42
N PRO A 167 -4.60 10.69 12.43
CA PRO A 167 -4.36 11.87 11.60
C PRO A 167 -3.22 12.78 12.09
N GLY A 168 -3.03 12.84 13.41
CA GLY A 168 -2.12 13.78 14.04
C GLY A 168 -0.64 13.46 13.93
N PRO A 169 0.21 14.30 14.56
CA PRO A 169 1.68 14.28 14.60
C PRO A 169 2.36 12.93 14.75
N GLY A 170 1.79 12.04 15.57
CA GLY A 170 2.40 10.72 15.81
C GLY A 170 1.95 9.60 14.88
N ARG A 171 1.40 9.97 13.74
CA ARG A 171 0.86 9.01 12.77
C ARG A 171 1.93 8.03 12.29
N VAL A 172 1.52 6.78 12.07
CA VAL A 172 2.39 5.81 11.42
C VAL A 172 1.67 5.27 10.19
N ALA A 173 2.39 5.25 9.06
CA ALA A 173 1.85 4.72 7.81
C ALA A 173 2.22 3.26 7.62
N LYS A 174 1.28 2.47 7.12
CA LYS A 174 1.46 1.03 7.00
C LYS A 174 0.84 0.55 5.68
N ILE A 175 1.40 -0.51 5.10
CA ILE A 175 0.80 -1.16 3.94
C ILE A 175 -0.40 -1.97 4.43
N GLY A 176 -1.56 -1.70 3.85
CA GLY A 176 -2.82 -2.23 4.37
C GLY A 176 -3.76 -2.94 3.39
N ASP A 177 -3.24 -3.27 2.21
CA ASP A 177 -4.01 -4.08 1.26
C ASP A 177 -3.06 -5.02 0.54
N PHE A 178 -3.48 -6.27 0.39
CA PHE A 178 -2.65 -7.28 -0.27
C PHE A 178 -3.44 -8.08 -1.30
N GLY A 179 -4.46 -7.44 -1.88
CA GLY A 179 -5.39 -8.06 -2.84
C GLY A 179 -4.73 -8.57 -4.11
N MET A 180 -3.87 -7.74 -4.70
CA MET A 180 -3.15 -8.09 -5.91
C MET A 180 -2.11 -9.21 -5.72
N ALA A 181 -1.33 -9.13 -4.65
CA ALA A 181 -0.41 -10.22 -4.32
C ALA A 181 -1.19 -11.55 -4.15
N ARG A 182 -2.32 -11.48 -3.45
CA ARG A 182 -3.22 -12.63 -3.23
C ARG A 182 -3.70 -13.24 -4.56
N ASP A 183 -4.14 -12.39 -5.48
CA ASP A 183 -4.59 -12.85 -6.80
C ASP A 183 -3.60 -13.81 -7.46
N ILE A 184 -2.31 -13.50 -7.35
CA ILE A 184 -1.27 -14.37 -7.93
C ILE A 184 -1.14 -15.72 -7.22
N TYR A 185 -1.24 -15.75 -5.89
CA TYR A 185 -1.22 -17.03 -5.15
C TYR A 185 -2.43 -17.91 -5.43
N ARG A 186 -3.45 -17.36 -6.08
CA ARG A 186 -4.68 -18.09 -6.40
C ARG A 186 -5.02 -18.11 -7.89
N ALA A 187 -4.14 -17.54 -8.72
CA ALA A 187 -4.38 -17.38 -10.16
C ALA A 187 -5.77 -16.76 -10.47
N SER A 188 -6.12 -15.70 -9.74
CA SER A 188 -7.40 -15.00 -9.90
C SER A 188 -7.51 -14.27 -11.25
N ARG A 191 -9.41 -16.73 -14.79
CA ARG A 191 -9.16 -15.47 -14.09
C ARG A 191 -10.46 -14.84 -13.63
N LYS A 192 -10.36 -13.60 -13.13
CA LYS A 192 -11.52 -12.81 -12.72
C LYS A 192 -11.23 -11.31 -12.86
N GLY A 193 -10.09 -10.97 -13.47
CA GLY A 193 -9.68 -9.58 -13.64
C GLY A 193 -9.74 -9.12 -15.09
N GLY A 194 -8.89 -8.15 -15.43
CA GLY A 194 -8.83 -7.64 -16.80
C GLY A 194 -8.03 -6.35 -16.92
N CYS A 195 -7.63 -6.06 -18.16
CA CYS A 195 -6.81 -4.88 -18.49
C CYS A 195 -7.22 -3.58 -17.78
N ALA A 196 -8.49 -3.20 -17.87
CA ALA A 196 -9.00 -1.95 -17.30
C ALA A 196 -8.84 -1.88 -15.77
N MET A 197 -8.57 -3.03 -15.14
CA MET A 197 -8.40 -3.07 -13.69
C MET A 197 -6.93 -3.03 -13.23
N LEU A 198 -6.00 -3.16 -14.16
CA LEU A 198 -4.56 -3.14 -13.82
C LEU A 198 -4.11 -1.71 -13.48
N PRO A 199 -3.39 -1.55 -12.34
CA PRO A 199 -2.90 -0.24 -11.88
C PRO A 199 -1.71 0.25 -12.74
N VAL A 200 -2.01 0.50 -14.01
CA VAL A 200 -1.05 0.85 -15.06
C VAL A 200 -0.12 2.04 -14.74
N LYS A 201 -0.67 3.08 -14.10
CA LYS A 201 0.11 4.28 -13.75
C LYS A 201 1.16 4.05 -12.64
N TRP A 202 1.08 2.90 -11.97
CA TRP A 202 2.07 2.49 -10.94
C TRP A 202 3.08 1.42 -11.40
N MET A 203 3.02 1.03 -12.67
CA MET A 203 3.76 -0.16 -13.14
C MET A 203 4.90 0.20 -14.08
N PRO A 204 6.05 -0.46 -13.90
CA PRO A 204 7.19 -0.35 -14.81
C PRO A 204 6.96 -1.08 -16.13
N PRO A 205 7.74 -0.72 -17.17
CA PRO A 205 7.56 -1.27 -18.51
C PRO A 205 7.59 -2.79 -18.54
N GLU A 206 8.56 -3.42 -17.88
CA GLU A 206 8.62 -4.89 -17.88
C GLU A 206 7.39 -5.54 -17.22
N ALA A 207 6.71 -4.81 -16.34
CA ALA A 207 5.48 -5.35 -15.74
C ALA A 207 4.32 -5.24 -16.71
N PHE A 208 4.10 -4.06 -17.29
CA PHE A 208 2.93 -3.91 -18.16
C PHE A 208 3.09 -4.48 -19.58
N MET A 209 4.33 -4.59 -20.06
CA MET A 209 4.61 -5.18 -21.37
CA MET A 209 4.59 -5.19 -21.37
C MET A 209 4.77 -6.70 -21.30
N GLU A 210 5.46 -7.19 -20.25
CA GLU A 210 5.89 -8.58 -20.20
C GLU A 210 5.25 -9.41 -19.10
N GLY A 211 4.48 -8.78 -18.22
CA GLY A 211 3.99 -9.46 -17.04
C GLY A 211 5.13 -9.92 -16.13
N ILE A 212 6.25 -9.21 -16.15
CA ILE A 212 7.40 -9.52 -15.28
C ILE A 212 7.33 -8.70 -14.00
N PHE A 213 7.36 -9.39 -12.84
CA PHE A 213 7.32 -8.75 -11.54
C PHE A 213 8.47 -9.24 -10.67
N THR A 214 9.16 -8.29 -10.04
CA THR A 214 10.26 -8.56 -9.12
C THR A 214 10.17 -7.52 -8.02
N SER A 215 11.10 -7.54 -7.06
CA SER A 215 11.15 -6.48 -6.08
C SER A 215 11.52 -5.13 -6.71
N LYS A 216 12.06 -5.14 -7.93
CA LYS A 216 12.40 -3.91 -8.61
C LYS A 216 11.16 -3.27 -9.26
N THR A 217 10.10 -4.06 -9.46
CA THR A 217 8.82 -3.51 -9.91
C THR A 217 8.08 -2.80 -8.75
N ASP A 218 8.28 -3.29 -7.52
CA ASP A 218 7.80 -2.54 -6.33
C ASP A 218 8.59 -1.25 -6.14
N THR A 219 9.90 -1.27 -6.44
CA THR A 219 10.70 -0.04 -6.41
C THR A 219 10.09 1.02 -7.33
N TRP A 220 9.73 0.61 -8.55
CA TRP A 220 9.08 1.53 -9.49
C TRP A 220 7.79 2.10 -8.90
N SER A 221 6.91 1.22 -8.39
CA SER A 221 5.63 1.65 -7.79
C SER A 221 5.86 2.57 -6.60
N PHE A 222 6.90 2.31 -5.81
CA PHE A 222 7.22 3.20 -4.70
C PHE A 222 7.57 4.61 -5.14
N GLY A 223 8.35 4.77 -6.21
CA GLY A 223 8.60 6.10 -6.77
C GLY A 223 7.35 6.87 -7.16
N VAL A 224 6.34 6.17 -7.68
CA VAL A 224 5.07 6.80 -8.05
C VAL A 224 4.29 7.15 -6.79
N LEU A 225 4.36 6.27 -5.79
CA LEU A 225 3.81 6.60 -4.46
C LEU A 225 4.44 7.88 -3.87
N LEU A 226 5.74 8.03 -4.03
CA LEU A 226 6.45 9.24 -3.59
C LEU A 226 5.86 10.48 -4.26
N TRP A 227 5.68 10.39 -5.58
CA TRP A 227 5.05 11.47 -6.32
C TRP A 227 3.67 11.77 -5.72
N GLU A 228 2.91 10.73 -5.42
CA GLU A 228 1.58 10.91 -4.80
C GLU A 228 1.67 11.65 -3.47
N ILE A 229 2.63 11.27 -2.64
CA ILE A 229 2.82 11.88 -1.33
C ILE A 229 3.16 13.36 -1.47
N PHE A 230 4.17 13.67 -2.29
CA PHE A 230 4.68 15.02 -2.39
C PHE A 230 3.83 15.97 -3.24
N SER A 231 2.94 15.41 -4.07
CA SER A 231 1.93 16.22 -4.76
C SER A 231 0.69 16.43 -3.87
N LEU A 232 0.69 15.77 -2.71
CA LEU A 232 -0.39 15.84 -1.74
C LEU A 232 -1.67 15.17 -2.23
N GLY A 233 -1.53 14.02 -2.88
CA GLY A 233 -2.69 13.20 -3.21
C GLY A 233 -3.29 13.37 -4.59
N TYR A 234 -2.55 13.99 -5.51
CA TYR A 234 -2.92 14.00 -6.91
C TYR A 234 -2.84 12.61 -7.53
N MET A 235 -3.62 12.41 -8.57
CA MET A 235 -3.55 11.24 -9.40
C MET A 235 -2.26 11.34 -10.22
N PRO A 236 -1.46 10.25 -10.28
CA PRO A 236 -0.26 10.21 -11.14
C PRO A 236 -0.60 10.53 -12.59
N TYR A 237 0.35 11.14 -13.32
CA TYR A 237 0.16 11.58 -14.71
C TYR A 237 -1.22 12.21 -14.86
N PRO A 238 -1.49 13.28 -14.07
CA PRO A 238 -2.87 13.74 -13.86
C PRO A 238 -3.70 13.97 -15.14
N SER A 239 -3.08 14.51 -16.19
CA SER A 239 -3.84 14.80 -17.40
C SER A 239 -3.78 13.68 -18.45
N LYS A 240 -3.27 12.50 -18.07
CA LYS A 240 -3.18 11.39 -19.04
C LYS A 240 -4.06 10.20 -18.68
N SER A 241 -4.49 9.48 -19.70
CA SER A 241 -5.20 8.24 -19.55
C SER A 241 -4.18 7.09 -19.38
N ASN A 242 -4.67 5.91 -18.99
CA ASN A 242 -3.78 4.73 -18.86
C ASN A 242 -2.96 4.45 -20.10
N GLN A 243 -3.60 4.43 -21.28
CA GLN A 243 -2.88 4.09 -22.50
C GLN A 243 -1.84 5.15 -22.89
N GLU A 244 -2.19 6.43 -22.72
CA GLU A 244 -1.25 7.54 -22.91
C GLU A 244 -0.04 7.40 -21.98
N VAL A 245 -0.28 6.99 -20.74
CA VAL A 245 0.84 6.71 -19.80
C VAL A 245 1.73 5.59 -20.31
N LEU A 246 1.12 4.51 -20.80
CA LEU A 246 1.87 3.34 -21.32
C LEU A 246 2.79 3.75 -22.46
N GLU A 247 2.28 4.56 -23.38
CA GLU A 247 3.05 5.07 -24.51
C GLU A 247 4.10 6.10 -24.07
N PHE A 248 3.70 7.02 -23.21
CA PHE A 248 4.61 8.01 -22.60
C PHE A 248 5.81 7.29 -21.93
N VAL A 249 5.53 6.44 -20.94
CA VAL A 249 6.58 5.76 -20.16
C VAL A 249 7.52 4.84 -20.98
N THR A 250 6.97 4.06 -21.90
CA THR A 250 7.79 3.19 -22.75
C THR A 250 8.76 4.02 -23.62
N SER A 251 8.37 5.25 -23.94
CA SER A 251 9.18 6.18 -24.73
C SER A 251 10.18 6.99 -23.89
N GLY A 252 10.33 6.63 -22.62
CA GLY A 252 11.24 7.36 -21.73
C GLY A 252 10.62 8.54 -20.98
N GLY A 253 9.34 8.83 -21.23
CA GLY A 253 8.64 9.92 -20.52
C GLY A 253 8.51 9.67 -19.03
N ARG A 254 8.77 10.71 -18.23
CA ARG A 254 8.62 10.63 -16.76
C ARG A 254 7.83 11.85 -16.21
N MET A 255 7.12 11.66 -15.11
CA MET A 255 6.43 12.82 -14.47
C MET A 255 7.41 13.92 -14.08
N ASP A 256 6.95 15.16 -14.17
CA ASP A 256 7.62 16.32 -13.60
C ASP A 256 7.57 16.29 -12.05
N PRO A 257 8.44 17.07 -11.39
CA PRO A 257 8.35 17.11 -9.92
C PRO A 257 7.00 17.67 -9.47
N PRO A 258 6.45 17.15 -8.36
CA PRO A 258 5.27 17.80 -7.81
C PRO A 258 5.62 19.25 -7.43
N LYS A 259 4.60 20.10 -7.35
CA LYS A 259 4.78 21.51 -6.99
C LYS A 259 5.58 21.63 -5.67
N ASN A 260 6.69 22.39 -5.73
CA ASN A 260 7.52 22.73 -4.57
C ASN A 260 8.41 21.59 -4.06
N CYS A 261 8.36 20.44 -4.75
CA CYS A 261 9.12 19.24 -4.34
C CYS A 261 10.59 19.55 -4.37
N PRO A 262 11.29 19.33 -3.24
CA PRO A 262 12.73 19.51 -3.24
C PRO A 262 13.41 18.54 -4.21
N GLY A 263 14.51 18.97 -4.81
CA GLY A 263 15.28 18.18 -5.76
C GLY A 263 15.75 16.82 -5.24
N PRO A 264 16.29 16.79 -4.00
CA PRO A 264 16.73 15.49 -3.47
C PRO A 264 15.62 14.44 -3.39
N VAL A 265 14.38 14.87 -3.16
CA VAL A 265 13.22 13.97 -3.11
C VAL A 265 12.80 13.52 -4.52
N TYR A 266 12.75 14.46 -5.46
CA TYR A 266 12.45 14.16 -6.86
C TYR A 266 13.48 13.19 -7.45
N ARG A 267 14.73 13.37 -7.04
CA ARG A 267 15.83 12.51 -7.50
C ARG A 267 15.61 11.06 -7.08
N ILE A 268 15.08 10.83 -5.87
CA ILE A 268 14.69 9.47 -5.47
C ILE A 268 13.65 8.92 -6.46
N MET A 269 12.63 9.72 -6.78
CA MET A 269 11.62 9.28 -7.75
C MET A 269 12.21 8.83 -9.10
N THR A 270 13.10 9.64 -9.66
CA THR A 270 13.65 9.40 -10.98
C THR A 270 14.59 8.20 -11.00
N GLN A 271 15.28 7.96 -9.89
CA GLN A 271 16.02 6.72 -9.67
C GLN A 271 15.12 5.48 -9.60
N CYS A 272 13.96 5.59 -8.92
CA CYS A 272 12.97 4.49 -8.88
C CYS A 272 12.40 4.20 -10.26
N TRP A 273 12.38 5.23 -11.12
CA TRP A 273 11.81 5.10 -12.47
C TRP A 273 12.85 4.83 -13.58
N GLN A 274 14.02 4.27 -13.24
CA GLN A 274 14.99 3.91 -14.26
C GLN A 274 14.42 2.78 -15.11
N HIS A 275 14.63 2.87 -16.43
CA HIS A 275 14.02 1.93 -17.38
C HIS A 275 14.39 0.46 -17.12
N GLN A 276 15.64 0.18 -16.82
CA GLN A 276 16.06 -1.19 -16.49
C GLN A 276 16.01 -1.42 -14.99
N PRO A 277 15.31 -2.49 -14.55
CA PRO A 277 15.20 -2.85 -13.13
C PRO A 277 16.55 -2.90 -12.42
N GLU A 278 17.58 -3.41 -13.07
CA GLU A 278 18.89 -3.49 -12.43
C GLU A 278 19.49 -2.13 -12.05
N ASP A 279 19.04 -1.05 -12.71
CA ASP A 279 19.50 0.32 -12.39
C ASP A 279 18.68 1.02 -11.29
N ARG A 280 17.59 0.39 -10.85
CA ARG A 280 16.75 0.98 -9.81
C ARG A 280 17.30 0.56 -8.45
N PRO A 281 17.16 1.42 -7.42
CA PRO A 281 17.68 1.08 -6.09
C PRO A 281 16.81 0.03 -5.42
N ASN A 282 17.39 -0.79 -4.55
CA ASN A 282 16.59 -1.64 -3.67
C ASN A 282 16.06 -0.81 -2.50
N PHE A 283 15.23 -1.40 -1.64
CA PHE A 283 14.59 -0.60 -0.60
C PHE A 283 15.53 -0.12 0.51
N ALA A 284 16.63 -0.85 0.74
CA ALA A 284 17.63 -0.40 1.72
C ALA A 284 18.26 0.91 1.22
N ILE A 285 18.55 0.98 -0.07
CA ILE A 285 19.13 2.21 -0.63
C ILE A 285 18.09 3.33 -0.64
N ILE A 286 16.84 3.00 -0.97
CA ILE A 286 15.78 3.99 -0.91
C ILE A 286 15.67 4.64 0.50
N LEU A 287 15.76 3.80 1.51
CA LEU A 287 15.68 4.17 2.93
C LEU A 287 16.85 5.11 3.33
N GLU A 288 18.07 4.75 2.94
CA GLU A 288 19.25 5.61 3.07
C GLU A 288 19.04 6.99 2.48
N ARG A 289 18.42 7.04 1.29
CA ARG A 289 18.22 8.30 0.60
C ARG A 289 17.12 9.14 1.21
N ILE A 290 16.03 8.50 1.65
CA ILE A 290 14.97 9.19 2.40
C ILE A 290 15.56 9.79 3.66
N GLU A 291 16.40 9.04 4.36
CA GLU A 291 17.03 9.55 5.57
C GLU A 291 17.91 10.78 5.28
N TYR A 292 18.74 10.70 4.23
CA TYR A 292 19.55 11.85 3.80
C TYR A 292 18.67 13.09 3.65
N CYS A 293 17.49 12.90 3.04
CA CYS A 293 16.52 13.97 2.82
C CYS A 293 16.01 14.61 4.13
N THR A 294 15.71 13.78 5.12
CA THR A 294 15.24 14.26 6.43
C THR A 294 16.35 14.97 7.23
N GLN A 295 17.59 14.78 6.78
CA GLN A 295 18.75 15.42 7.40
C GLN A 295 19.11 16.76 6.78
N ASP A 296 18.57 17.05 5.60
CA ASP A 296 18.89 18.28 4.85
C ASP A 296 17.93 19.41 5.20
N PRO A 297 18.41 20.42 5.98
CA PRO A 297 17.52 21.54 6.31
C PRO A 297 16.85 22.19 5.10
N ASP A 298 17.57 22.31 3.97
CA ASP A 298 16.97 22.89 2.76
C ASP A 298 15.81 22.05 2.20
N VAL A 299 15.82 20.75 2.49
CA VAL A 299 14.70 19.91 2.10
C VAL A 299 13.52 20.15 3.03
N ILE A 300 13.73 19.98 4.32
CA ILE A 300 12.63 19.94 5.28
C ILE A 300 12.09 21.32 5.69
N ASN A 301 12.86 22.38 5.43
CA ASN A 301 12.34 23.74 5.61
C ASN A 301 11.51 24.27 4.41
N THR A 302 11.35 23.44 3.38
CA THR A 302 10.61 23.83 2.18
C THR A 302 9.12 23.85 2.49
N ALA A 303 8.43 24.90 2.05
CA ALA A 303 7.00 25.05 2.32
C ALA A 303 6.13 24.28 1.33
N LEU A 304 5.04 23.71 1.82
CA LEU A 304 4.08 23.01 0.99
C LEU A 304 3.19 24.02 0.25
N PRO A 305 2.79 23.71 -1.00
CA PRO A 305 1.91 24.64 -1.72
C PRO A 305 0.49 24.66 -1.17
N ILE A 306 -0.17 25.81 -1.30
CA ILE A 306 -1.52 26.04 -0.78
C ILE A 306 -2.56 25.81 -1.86
N GLU A 307 -3.69 25.19 -1.49
CA GLU A 307 -4.81 25.00 -2.41
C GLU A 307 -5.71 26.24 -2.44
#